data_2QSY
#
_entry.id   2QSY
#
_cell.length_a   54.453
_cell.length_b   142.070
_cell.length_c   62.263
_cell.angle_alpha   90.000
_cell.angle_beta   90.000
_cell.angle_gamma   90.000
#
_symmetry.space_group_name_H-M   'C 2 2 21'
#
loop_
_entity.id
_entity.type
_entity.pdbx_description
1 polymer 'Nicotinamide riboside kinase 1'
2 non-polymer 'MAGNESIUM ION'
3 non-polymer "ADENOSINE-5'-DIPHOSPHATE"
4 non-polymer 'UNKNOWN ATOM OR ION'
5 water water
#
_entity_poly.entity_id   1
_entity_poly.type   'polypeptide(L)'
_entity_poly.pdbx_seq_one_letter_code
;(MSE)GSSHHHHHHSSGLVPRGSKTFIIGISGVTNSGKTTLAKNLQKHLPNCSVISQDDFFKPESEIETDKNGFLQYDVL
EALN(MSE)EK(MSE)(MSE)SAISCW(MSE)ESARHSVVSTDQESAEEIPILIIEGFLLFNYKPLDTIWNRSYFLTIPY
EECKRRRSTRVYQPPDSPGYFDGHVWP(MSE)YLKYRQE(MSE)QDITWEVVYLDGTKSEEDLFLQVYEDLIQEL
;
_entity_poly.pdbx_strand_id   A
#
loop_
_chem_comp.id
_chem_comp.type
_chem_comp.name
_chem_comp.formula
ADP non-polymer ADENOSINE-5'-DIPHOSPHATE 'C10 H15 N5 O10 P2'
MG non-polymer 'MAGNESIUM ION' 'Mg 2'
UNX non-polymer 'UNKNOWN ATOM OR ION' ?
#
# COMPACT_ATOMS: atom_id res chain seq x y z
N SER A 19 17.03 -18.51 -1.88
CA SER A 19 16.08 -18.50 -3.05
C SER A 19 14.64 -18.19 -2.63
N LYS A 20 14.11 -18.92 -1.65
CA LYS A 20 12.70 -18.77 -1.26
C LYS A 20 12.46 -17.48 -0.45
N THR A 21 11.33 -16.84 -0.70
CA THR A 21 10.96 -15.60 -0.01
C THR A 21 9.46 -15.66 0.29
N PHE A 22 9.00 -14.80 1.20
CA PHE A 22 7.57 -14.63 1.43
C PHE A 22 7.23 -13.12 1.33
N ILE A 23 6.39 -12.80 0.35
CA ILE A 23 6.10 -11.40 0.00
C ILE A 23 4.63 -11.11 0.27
N ILE A 24 4.42 -10.09 1.11
CA ILE A 24 3.11 -9.59 1.53
C ILE A 24 2.81 -8.22 0.96
N GLY A 25 1.60 -8.08 0.42
CA GLY A 25 1.06 -6.83 0.00
C GLY A 25 0.10 -6.32 1.05
N ILE A 26 0.25 -5.06 1.41
CA ILE A 26 -0.77 -4.34 2.18
C ILE A 26 -1.17 -3.09 1.40
N SER A 27 -2.37 -3.11 0.86
CA SER A 27 -2.93 -1.96 0.22
C SER A 27 -4.15 -1.41 0.99
N GLY A 28 -4.83 -0.45 0.38
CA GLY A 28 -5.95 0.22 0.99
C GLY A 28 -5.92 1.71 0.71
N VAL A 29 -7.04 2.37 0.98
CA VAL A 29 -7.18 3.84 0.77
C VAL A 29 -6.21 4.64 1.63
N THR A 30 -5.88 5.85 1.17
CA THR A 30 -5.11 6.80 1.99
C THR A 30 -5.63 6.83 3.43
N ASN A 31 -4.71 6.80 4.40
CA ASN A 31 -5.04 6.92 5.82
C ASN A 31 -5.81 5.74 6.42
N SER A 32 -5.66 4.56 5.82
CA SER A 32 -6.40 3.39 6.31
C SER A 32 -5.57 2.59 7.33
N GLY A 33 -4.33 3.02 7.59
CA GLY A 33 -3.42 2.41 8.55
C GLY A 33 -2.40 1.42 7.95
N LYS A 34 -2.01 1.60 6.69
CA LYS A 34 -1.13 0.61 6.01
C LYS A 34 0.28 0.63 6.61
N THR A 35 0.86 1.83 6.72
CA THR A 35 2.25 1.97 7.20
C THR A 35 2.35 1.49 8.66
N THR A 36 1.36 1.88 9.48
CA THR A 36 1.23 1.44 10.87
C THR A 36 1.17 -0.08 11.03
N LEU A 37 0.33 -0.73 10.24
CA LEU A 37 0.23 -2.18 10.24
C LEU A 37 1.50 -2.86 9.77
N ALA A 38 2.06 -2.39 8.65
CA ALA A 38 3.35 -2.90 8.18
C ALA A 38 4.44 -2.83 9.27
N LYS A 39 4.55 -1.68 9.92
CA LYS A 39 5.52 -1.50 11.02
C LYS A 39 5.29 -2.44 12.23
N ASN A 40 4.03 -2.64 12.64
CA ASN A 40 3.71 -3.57 13.76
C ASN A 40 4.04 -5.02 13.42
N LEU A 41 3.72 -5.42 12.19
CA LEU A 41 4.09 -6.75 11.72
C LEU A 41 5.61 -6.95 11.69
N GLN A 42 6.32 -5.99 11.09
CA GLN A 42 7.77 -6.05 10.90
CA GLN A 42 7.73 -6.13 10.87
C GLN A 42 8.47 -6.35 12.20
N LYS A 43 8.11 -5.59 13.25
CA LYS A 43 8.78 -5.73 14.54
C LYS A 43 8.52 -7.06 15.24
N HIS A 44 7.51 -7.80 14.78
CA HIS A 44 7.18 -9.11 15.33
C HIS A 44 7.56 -10.30 14.45
N LEU A 45 7.96 -10.06 13.21
CA LEU A 45 8.31 -11.13 12.29
C LEU A 45 9.84 -11.13 12.06
N PRO A 46 10.47 -12.31 12.05
CA PRO A 46 11.93 -12.31 11.95
C PRO A 46 12.36 -12.12 10.50
N ASN A 47 13.48 -11.44 10.30
CA ASN A 47 14.07 -11.28 8.96
C ASN A 47 13.01 -10.69 8.03
N CYS A 48 12.42 -9.60 8.48
CA CYS A 48 11.34 -8.92 7.80
C CYS A 48 11.76 -7.50 7.42
N SER A 49 11.36 -7.11 6.22
CA SER A 49 11.60 -5.79 5.74
C SER A 49 10.30 -5.16 5.25
N VAL A 50 10.33 -3.85 5.05
CA VAL A 50 9.18 -3.09 4.49
C VAL A 50 9.65 -2.17 3.38
N ILE A 51 8.94 -2.22 2.26
CA ILE A 51 9.00 -1.20 1.20
C ILE A 51 7.68 -0.42 1.11
N SER A 52 7.79 0.90 1.18
CA SER A 52 6.63 1.80 1.06
C SER A 52 6.54 2.45 -0.30
N GLN A 53 5.39 2.28 -0.94
CA GLN A 53 5.11 2.89 -2.25
C GLN A 53 5.21 4.41 -2.22
N ASP A 54 4.85 4.98 -1.06
CA ASP A 54 5.00 6.43 -0.79
C ASP A 54 6.42 6.96 -1.01
N ASP A 55 7.44 6.08 -1.00
CA ASP A 55 8.80 6.54 -1.21
C ASP A 55 9.17 6.71 -2.70
N PHE A 56 8.21 6.48 -3.62
CA PHE A 56 8.48 6.42 -5.07
C PHE A 56 7.57 7.33 -5.95
N PHE A 57 7.09 8.42 -5.36
CA PHE A 57 6.40 9.44 -6.13
C PHE A 57 7.36 10.19 -7.04
N LYS A 58 6.90 10.51 -8.24
CA LYS A 58 7.63 11.41 -9.13
C LYS A 58 7.68 12.82 -8.54
N PRO A 59 8.72 13.61 -8.89
CA PRO A 59 8.75 15.02 -8.53
C PRO A 59 7.48 15.77 -8.97
N GLU A 60 7.07 16.77 -8.19
CA GLU A 60 5.85 17.56 -8.48
C GLU A 60 5.71 18.01 -9.95
N SER A 61 6.82 18.41 -10.59
CA SER A 61 6.79 18.88 -11.99
C SER A 61 6.33 17.83 -13.00
N GLU A 62 6.42 16.55 -12.61
CA GLU A 62 6.02 15.45 -13.48
CA GLU A 62 6.03 15.44 -13.47
C GLU A 62 4.58 15.00 -13.22
N ILE A 63 3.94 15.61 -12.22
CA ILE A 63 2.52 15.34 -11.90
C ILE A 63 1.60 16.14 -12.82
N GLU A 64 0.65 15.45 -13.45
CA GLU A 64 -0.33 16.11 -14.32
C GLU A 64 -1.40 16.81 -13.44
N THR A 65 -2.00 17.86 -13.99
CA THR A 65 -3.15 18.55 -13.38
C THR A 65 -4.37 18.35 -14.28
N ASP A 66 -5.52 18.02 -13.69
CA ASP A 66 -6.76 17.84 -14.47
C ASP A 66 -7.48 19.17 -14.74
N LYS A 67 -8.67 19.08 -15.37
CA LYS A 67 -9.56 20.23 -15.66
C LYS A 67 -9.78 21.18 -14.48
N ASN A 68 -10.16 20.62 -13.33
CA ASN A 68 -10.45 21.41 -12.13
C ASN A 68 -9.20 21.89 -11.38
N GLY A 69 -8.03 21.62 -11.96
CA GLY A 69 -6.76 22.02 -11.39
C GLY A 69 -6.21 21.05 -10.35
N PHE A 70 -6.84 19.89 -10.21
CA PHE A 70 -6.43 18.90 -9.22
C PHE A 70 -5.20 18.11 -9.70
N LEU A 71 -4.14 18.12 -8.90
CA LEU A 71 -2.93 17.33 -9.20
C LEU A 71 -3.26 15.84 -9.13
N GLN A 72 -2.88 15.11 -10.18
CA GLN A 72 -3.12 13.68 -10.26
C GLN A 72 -2.01 12.91 -9.53
N TYR A 73 -2.15 12.80 -8.21
CA TYR A 73 -1.20 12.04 -7.38
C TYR A 73 -1.62 10.59 -7.15
N ASP A 74 -2.92 10.31 -7.25
CA ASP A 74 -3.46 9.03 -6.81
C ASP A 74 -3.67 8.09 -8.00
N VAL A 75 -2.63 8.02 -8.85
CA VAL A 75 -2.59 7.25 -10.08
C VAL A 75 -1.17 6.69 -10.32
N LEU A 76 -1.07 5.58 -11.01
CA LEU A 76 0.23 4.90 -11.20
C LEU A 76 1.21 5.84 -11.92
N GLU A 77 0.69 6.75 -12.73
CA GLU A 77 1.52 7.69 -13.49
C GLU A 77 2.22 8.73 -12.58
N ALA A 78 1.74 8.87 -11.33
CA ALA A 78 2.39 9.71 -10.33
C ALA A 78 3.63 9.03 -9.73
N LEU A 79 3.76 7.74 -9.97
CA LEU A 79 4.78 6.92 -9.31
C LEU A 79 5.87 6.42 -10.26
N ASN A 80 7.10 6.41 -9.76
CA ASN A 80 8.21 5.74 -10.40
C ASN A 80 8.26 4.26 -10.02
N MSE A 81 7.50 3.45 -10.75
CA MSE A 81 7.33 2.03 -10.44
C MSE A 81 8.54 1.23 -10.91
O MSE A 81 8.85 0.21 -10.34
CB MSE A 81 6.03 1.45 -11.04
CG MSE A 81 4.78 2.02 -10.40
SE MSE A 81 4.79 1.70 -8.48
CE MSE A 81 4.54 -0.25 -8.53
N GLU A 82 9.29 1.77 -11.88
CA GLU A 82 10.58 1.21 -12.22
C GLU A 82 11.60 1.29 -11.05
N LYS A 83 11.65 2.42 -10.35
CA LYS A 83 12.49 2.57 -9.20
C LYS A 83 11.95 1.69 -8.06
N MSE A 84 10.63 1.55 -7.96
CA MSE A 84 10.10 0.68 -6.91
C MSE A 84 10.46 -0.79 -7.16
O MSE A 84 10.84 -1.51 -6.23
CB MSE A 84 8.60 0.82 -6.75
CG MSE A 84 8.16 0.28 -5.44
SE MSE A 84 6.27 0.42 -5.15
CE MSE A 84 6.23 -0.51 -3.46
N MSE A 85 10.39 -1.22 -8.41
CA MSE A 85 10.78 -2.58 -8.78
C MSE A 85 12.27 -2.85 -8.50
O MSE A 85 12.64 -3.92 -8.02
CB MSE A 85 10.42 -2.84 -10.25
CG MSE A 85 8.94 -3.17 -10.47
SE MSE A 85 8.52 -3.93 -12.30
CE MSE A 85 9.26 -2.49 -13.43
N SER A 86 13.12 -1.87 -8.75
CA SER A 86 14.53 -2.07 -8.46
C SER A 86 14.73 -2.22 -6.94
N ALA A 87 13.92 -1.54 -6.10
CA ALA A 87 14.03 -1.66 -4.63
C ALA A 87 13.62 -3.03 -4.16
N ILE A 88 12.59 -3.59 -4.80
CA ILE A 88 12.17 -4.94 -4.52
C ILE A 88 13.25 -5.94 -4.95
N SER A 89 13.87 -5.74 -6.14
CA SER A 89 14.97 -6.58 -6.58
C SER A 89 16.20 -6.50 -5.60
N CYS A 90 16.47 -5.30 -5.10
CA CYS A 90 17.54 -5.12 -4.10
C CYS A 90 17.25 -5.92 -2.83
N TRP A 91 16.00 -5.93 -2.41
CA TRP A 91 15.65 -6.71 -1.22
C TRP A 91 15.83 -8.21 -1.46
N MSE A 92 15.43 -8.70 -2.63
CA MSE A 92 15.55 -10.11 -2.95
C MSE A 92 17.00 -10.60 -2.94
O MSE A 92 17.25 -11.73 -2.56
CB MSE A 92 14.93 -10.41 -4.31
CG MSE A 92 13.41 -10.62 -4.24
SE MSE A 92 12.58 -10.71 -6.02
CE MSE A 92 10.69 -10.61 -5.58
N GLU A 93 17.90 -9.76 -3.42
CA GLU A 93 19.30 -10.04 -3.46
C GLU A 93 19.85 -10.08 -2.03
N SER A 94 19.42 -9.14 -1.20
CA SER A 94 19.76 -9.18 0.22
C SER A 94 19.21 -10.43 0.92
N ALA A 95 17.94 -10.77 0.65
CA ALA A 95 17.23 -11.93 1.22
C ALA A 95 17.98 -13.24 0.94
N ARG A 96 18.58 -13.34 -0.24
CA ARG A 96 19.39 -14.52 -0.59
C ARG A 96 20.56 -14.78 0.34
N HIS A 97 21.12 -13.74 0.98
CA HIS A 97 22.30 -13.90 1.84
C HIS A 97 21.96 -13.75 3.32
N SER A 98 20.66 -13.59 3.62
CA SER A 98 20.18 -13.32 4.98
C SER A 98 20.09 -14.57 5.90
N VAL A 99 20.15 -15.78 5.34
CA VAL A 99 20.16 -17.01 6.17
C VAL A 99 21.43 -17.83 5.85
N VAL A 100 22.24 -18.09 6.88
CA VAL A 100 23.52 -18.76 6.72
C VAL A 100 23.28 -20.26 6.59
N ILE A 110 12.43 -18.42 6.13
CA ILE A 110 12.11 -17.70 4.89
C ILE A 110 12.10 -16.17 5.12
N PRO A 111 12.98 -15.42 4.41
CA PRO A 111 12.88 -13.94 4.49
C PRO A 111 11.52 -13.36 4.04
N ILE A 112 11.09 -12.33 4.77
CA ILE A 112 9.79 -11.71 4.54
C ILE A 112 9.96 -10.22 4.09
N LEU A 113 9.25 -9.91 3.02
CA LEU A 113 9.07 -8.56 2.57
C LEU A 113 7.62 -8.16 2.62
N ILE A 114 7.40 -6.96 3.14
CA ILE A 114 6.11 -6.38 3.17
C ILE A 114 6.20 -5.15 2.26
N ILE A 115 5.37 -5.15 1.24
CA ILE A 115 5.19 -4.02 0.34
C ILE A 115 3.88 -3.41 0.72
N GLU A 116 3.92 -2.16 1.15
CA GLU A 116 2.68 -1.47 1.51
C GLU A 116 2.51 -0.23 0.68
N GLY A 117 1.33 -0.05 0.12
CA GLY A 117 1.02 1.18 -0.62
C GLY A 117 -0.38 1.20 -1.15
N PHE A 118 -0.82 2.41 -1.51
CA PHE A 118 -2.21 2.68 -1.89
C PHE A 118 -2.59 2.18 -3.27
N LEU A 119 -1.62 1.79 -4.10
CA LEU A 119 -1.88 1.37 -5.48
C LEU A 119 -0.98 0.19 -5.91
N LEU A 120 -1.15 -0.95 -5.24
CA LEU A 120 -0.34 -2.12 -5.47
C LEU A 120 -0.95 -3.14 -6.40
N PHE A 121 -2.21 -3.49 -6.17
CA PHE A 121 -2.75 -4.74 -6.74
C PHE A 121 -3.25 -4.63 -8.18
N ASN A 122 -3.27 -3.42 -8.72
CA ASN A 122 -3.60 -3.19 -10.12
C ASN A 122 -2.33 -3.08 -11.00
N TYR A 123 -1.15 -3.13 -10.38
CA TYR A 123 0.13 -3.09 -11.12
C TYR A 123 0.53 -4.50 -11.60
N LYS A 124 0.26 -4.78 -12.88
CA LYS A 124 0.37 -6.13 -13.42
C LYS A 124 1.74 -6.79 -13.41
N PRO A 125 2.82 -6.02 -13.59
CA PRO A 125 4.12 -6.68 -13.46
C PRO A 125 4.35 -7.39 -12.11
N LEU A 126 3.69 -6.94 -11.04
CA LEU A 126 3.80 -7.57 -9.73
C LEU A 126 2.69 -8.61 -9.40
N ASP A 127 1.85 -8.93 -10.37
CA ASP A 127 0.67 -9.78 -10.10
C ASP A 127 0.95 -11.24 -9.62
N THR A 128 2.13 -11.76 -9.91
CA THR A 128 2.52 -13.07 -9.42
C THR A 128 3.44 -13.01 -8.18
N ILE A 129 3.73 -11.82 -7.64
CA ILE A 129 4.70 -11.69 -6.51
C ILE A 129 4.07 -12.02 -5.14
N TRP A 130 2.77 -11.79 -5.04
CA TRP A 130 2.07 -11.79 -3.75
C TRP A 130 1.83 -13.18 -3.21
N ASN A 131 2.42 -13.49 -2.05
CA ASN A 131 2.07 -14.72 -1.33
C ASN A 131 0.84 -14.49 -0.46
N ARG A 132 0.68 -13.27 0.03
CA ARG A 132 -0.54 -12.86 0.69
C ARG A 132 -0.88 -11.41 0.30
N SER A 133 -2.16 -11.10 0.26
CA SER A 133 -2.67 -9.82 -0.20
C SER A 133 -3.77 -9.32 0.78
N TYR A 134 -3.45 -8.24 1.46
CA TYR A 134 -4.32 -7.58 2.43
C TYR A 134 -4.73 -6.18 1.89
N PHE A 135 -5.98 -5.82 2.13
CA PHE A 135 -6.55 -4.55 1.69
C PHE A 135 -7.32 -3.91 2.83
N LEU A 136 -6.76 -2.83 3.38
CA LEU A 136 -7.40 -2.07 4.48
C LEU A 136 -8.52 -1.19 3.93
N THR A 137 -9.70 -1.30 4.55
CA THR A 137 -10.83 -0.49 4.14
C THR A 137 -11.35 0.34 5.32
N ILE A 138 -11.68 1.59 5.04
CA ILE A 138 -12.38 2.47 5.99
C ILE A 138 -13.44 3.27 5.21
N PRO A 139 -14.53 3.66 5.87
CA PRO A 139 -15.58 4.34 5.13
C PRO A 139 -15.23 5.80 4.79
N TYR A 140 -15.96 6.37 3.83
CA TYR A 140 -15.78 7.75 3.41
C TYR A 140 -15.52 8.78 4.54
N GLU A 141 -16.40 8.85 5.54
CA GLU A 141 -16.31 9.88 6.60
C GLU A 141 -15.06 9.74 7.45
N GLU A 142 -14.74 8.51 7.84
CA GLU A 142 -13.54 8.31 8.65
C GLU A 142 -12.29 8.62 7.86
N CYS A 143 -12.28 8.24 6.57
CA CYS A 143 -11.11 8.53 5.71
C CYS A 143 -10.87 10.05 5.61
N LYS A 144 -11.93 10.80 5.31
CA LYS A 144 -11.87 12.26 5.24
C LYS A 144 -11.36 12.87 6.57
N ARG A 145 -11.86 12.35 7.69
CA ARG A 145 -11.46 12.79 9.02
C ARG A 145 -9.96 12.60 9.27
N ARG A 146 -9.46 11.38 9.04
CA ARG A 146 -8.03 11.11 9.19
C ARG A 146 -7.15 11.92 8.23
N ARG A 147 -7.59 12.02 6.99
CA ARG A 147 -6.86 12.71 5.94
C ARG A 147 -6.66 14.20 6.33
N SER A 148 -7.68 14.78 6.96
CA SER A 148 -7.64 16.18 7.41
C SER A 148 -6.61 16.45 8.51
N THR A 149 -6.29 15.42 9.31
CA THR A 149 -5.33 15.56 10.40
C THR A 149 -3.88 15.44 9.90
N ARG A 150 -3.70 15.03 8.64
CA ARG A 150 -2.36 14.87 8.05
C ARG A 150 -1.99 16.09 7.17
N VAL A 151 -0.71 16.48 7.22
CA VAL A 151 -0.19 17.60 6.42
C VAL A 151 0.70 17.09 5.29
N TYR A 152 0.31 17.39 4.05
CA TYR A 152 0.98 16.85 2.85
C TYR A 152 1.92 17.84 2.17
N GLN A 153 2.63 17.36 1.12
CA GLN A 153 3.55 18.19 0.32
C GLN A 153 3.21 18.13 -1.19
N PRO A 154 2.51 19.16 -1.72
CA PRO A 154 1.99 20.34 -1.04
C PRO A 154 0.71 20.02 -0.26
N PRO A 155 0.24 20.93 0.62
CA PRO A 155 -0.98 20.66 1.41
C PRO A 155 -2.20 20.39 0.53
N ASP A 156 -3.12 19.55 1.02
CA ASP A 156 -4.38 19.28 0.33
C ASP A 156 -5.12 20.59 0.13
N SER A 157 -5.42 20.89 -1.12
CA SER A 157 -6.25 22.01 -1.44
C SER A 157 -7.64 21.74 -0.88
N PRO A 158 -8.42 22.80 -0.67
CA PRO A 158 -9.80 22.52 -0.35
C PRO A 158 -10.49 21.84 -1.54
N GLY A 159 -11.37 20.91 -1.23
CA GLY A 159 -12.05 20.11 -2.23
C GLY A 159 -11.24 18.94 -2.79
N TYR A 160 -10.00 18.76 -2.32
CA TYR A 160 -9.09 17.72 -2.89
C TYR A 160 -9.61 16.30 -2.63
N PHE A 161 -10.14 16.09 -1.42
CA PHE A 161 -10.63 14.78 -1.05
C PHE A 161 -11.80 14.32 -1.92
N ASP A 162 -12.81 15.17 -2.05
CA ASP A 162 -13.97 14.86 -2.90
C ASP A 162 -13.70 14.95 -4.39
N GLY A 163 -12.81 15.84 -4.80
CA GLY A 163 -12.52 16.05 -6.23
C GLY A 163 -11.49 15.08 -6.80
N HIS A 164 -10.68 14.46 -5.96
CA HIS A 164 -9.62 13.60 -6.46
C HIS A 164 -9.43 12.32 -5.63
N VAL A 165 -9.12 12.46 -4.35
CA VAL A 165 -8.77 11.31 -3.55
C VAL A 165 -9.85 10.20 -3.59
N TRP A 166 -11.09 10.55 -3.24
CA TRP A 166 -12.15 9.55 -3.19
C TRP A 166 -12.54 9.00 -4.58
N PRO A 167 -12.73 9.87 -5.58
CA PRO A 167 -12.87 9.33 -6.95
C PRO A 167 -11.76 8.38 -7.40
N MSE A 168 -10.49 8.69 -7.16
CA MSE A 168 -9.41 7.77 -7.58
C MSE A 168 -9.44 6.43 -6.78
O MSE A 168 -9.14 5.33 -7.31
CB MSE A 168 -8.06 8.47 -7.47
CG MSE A 168 -7.88 9.61 -8.47
SE MSE A 168 -8.14 9.09 -10.35
CE MSE A 168 -10.07 9.25 -10.56
N TYR A 169 -9.83 6.51 -5.51
CA TYR A 169 -10.07 5.31 -4.71
C TYR A 169 -11.16 4.39 -5.28
N LEU A 170 -12.33 4.94 -5.60
CA LEU A 170 -13.42 4.13 -6.19
C LEU A 170 -13.02 3.53 -7.56
N LYS A 171 -12.24 4.26 -8.35
CA LYS A 171 -11.65 3.76 -9.62
C LYS A 171 -10.73 2.53 -9.39
N TYR A 172 -9.93 2.61 -8.35
CA TYR A 172 -9.07 1.50 -7.92
C TYR A 172 -9.91 0.32 -7.47
N ARG A 173 -10.98 0.55 -6.68
CA ARG A 173 -11.82 -0.57 -6.20
C ARG A 173 -12.55 -1.25 -7.37
N GLN A 174 -12.92 -0.44 -8.36
CA GLN A 174 -13.48 -0.95 -9.61
C GLN A 174 -12.45 -1.81 -10.38
N GLU A 175 -11.21 -1.33 -10.48
CA GLU A 175 -10.12 -2.13 -11.07
C GLU A 175 -9.83 -3.45 -10.31
N MSE A 176 -10.05 -3.48 -8.99
CA MSE A 176 -9.83 -4.69 -8.16
C MSE A 176 -10.78 -5.83 -8.52
O MSE A 176 -10.55 -6.96 -8.12
CB MSE A 176 -10.08 -4.45 -6.65
CG MSE A 176 -9.56 -3.20 -6.01
SE MSE A 176 -7.81 -3.24 -5.13
CE MSE A 176 -7.82 -5.09 -4.40
N GLN A 177 -11.87 -5.52 -9.22
CA GLN A 177 -12.91 -6.49 -9.54
C GLN A 177 -12.45 -7.55 -10.54
N ASP A 178 -11.37 -7.30 -11.28
CA ASP A 178 -10.81 -8.32 -12.16
C ASP A 178 -9.54 -8.98 -11.63
N ILE A 179 -9.21 -8.75 -10.35
CA ILE A 179 -8.10 -9.45 -9.70
CA ILE A 179 -8.09 -9.45 -9.72
C ILE A 179 -8.49 -10.93 -9.64
N THR A 180 -7.58 -11.80 -10.03
CA THR A 180 -7.85 -13.23 -10.09
C THR A 180 -7.43 -14.01 -8.85
N TRP A 181 -6.64 -13.39 -7.97
CA TRP A 181 -6.12 -14.05 -6.77
C TRP A 181 -6.82 -13.54 -5.51
N GLU A 182 -6.74 -14.31 -4.44
CA GLU A 182 -7.43 -13.96 -3.19
C GLU A 182 -6.85 -12.72 -2.48
N VAL A 183 -7.74 -11.83 -2.08
CA VAL A 183 -7.42 -10.63 -1.30
C VAL A 183 -8.21 -10.69 -0.01
N VAL A 184 -7.52 -10.41 1.10
CA VAL A 184 -8.12 -10.29 2.42
C VAL A 184 -8.42 -8.83 2.74
N TYR A 185 -9.72 -8.52 2.84
CA TYR A 185 -10.17 -7.19 3.18
C TYR A 185 -10.27 -7.09 4.69
N LEU A 186 -9.62 -6.06 5.21
CA LEU A 186 -9.51 -5.76 6.66
C LEU A 186 -10.26 -4.46 7.00
N ASP A 187 -10.93 -4.46 8.14
CA ASP A 187 -11.59 -3.26 8.65
C ASP A 187 -10.64 -2.30 9.42
N GLY A 188 -10.23 -1.24 8.72
CA GLY A 188 -9.31 -0.22 9.21
C GLY A 188 -9.80 0.62 10.39
N THR A 189 -11.07 0.48 10.75
CA THR A 189 -11.59 1.15 11.98
C THR A 189 -11.34 0.31 13.27
N LYS A 190 -10.87 -0.93 13.10
CA LYS A 190 -10.38 -1.74 14.24
CA LYS A 190 -10.40 -1.72 14.25
C LYS A 190 -9.13 -1.10 14.82
N SER A 191 -8.84 -1.40 16.09
CA SER A 191 -7.67 -0.87 16.76
C SER A 191 -6.41 -1.44 16.08
N GLU A 192 -5.30 -0.71 16.22
CA GLU A 192 -4.01 -1.15 15.66
C GLU A 192 -3.62 -2.55 16.11
N GLU A 193 -3.85 -2.88 17.40
CA GLU A 193 -3.47 -4.21 17.91
C GLU A 193 -4.37 -5.32 17.36
N ASP A 194 -5.66 -4.99 17.19
CA ASP A 194 -6.66 -5.90 16.68
C ASP A 194 -6.23 -6.29 15.24
N LEU A 195 -5.94 -5.29 14.42
CA LEU A 195 -5.47 -5.53 13.07
C LEU A 195 -4.15 -6.32 13.01
N PHE A 196 -3.16 -5.92 13.84
CA PHE A 196 -1.90 -6.69 13.96
C PHE A 196 -2.15 -8.21 14.28
N LEU A 197 -2.90 -8.49 15.34
CA LEU A 197 -3.16 -9.85 15.72
C LEU A 197 -3.87 -10.59 14.58
N GLN A 198 -4.83 -9.95 13.93
CA GLN A 198 -5.60 -10.61 12.87
C GLN A 198 -4.65 -11.01 11.75
N VAL A 199 -3.86 -10.06 11.29
CA VAL A 199 -2.90 -10.39 10.23
C VAL A 199 -1.83 -11.40 10.71
N TYR A 200 -1.26 -11.20 11.92
CA TYR A 200 -0.24 -12.12 12.47
C TYR A 200 -0.75 -13.57 12.50
N GLU A 201 -2.00 -13.74 12.96
CA GLU A 201 -2.67 -15.06 13.04
C GLU A 201 -2.86 -15.67 11.64
N ASP A 202 -3.25 -14.84 10.69
CA ASP A 202 -3.33 -15.28 9.30
C ASP A 202 -1.94 -15.70 8.76
N LEU A 203 -0.91 -14.88 9.01
CA LEU A 203 0.46 -15.16 8.52
C LEU A 203 1.11 -16.43 9.06
N ILE A 204 1.00 -16.64 10.37
CA ILE A 204 1.47 -17.88 11.00
C ILE A 204 0.92 -19.11 10.28
N GLN A 205 -0.32 -19.00 9.78
CA GLN A 205 -1.02 -20.05 9.04
C GLN A 205 -0.59 -20.18 7.58
N GLU A 206 0.06 -19.13 7.04
CA GLU A 206 0.51 -19.08 5.62
C GLU A 206 1.99 -19.38 5.48
N LEU A 207 2.79 -18.95 6.47
CA LEU A 207 4.22 -19.12 6.45
C LEU A 207 4.58 -20.57 6.71
MG MG B . 1.53 5.37 4.49
PB ADP C . -1.58 4.94 5.61
O1B ADP C . -2.63 4.01 5.07
O2B ADP C . -0.19 4.41 5.63
O3B ADP C . -1.68 6.30 5.00
PA ADP C . -1.04 5.28 8.44
O1A ADP C . -0.07 6.43 8.16
O2A ADP C . -0.57 3.99 9.06
O3A ADP C . -1.97 5.12 7.14
O5' ADP C . -2.16 5.87 9.44
C5' ADP C . -3.02 6.96 9.06
C4' ADP C . -3.56 7.67 10.29
O4' ADP C . -4.45 6.81 11.00
C3' ADP C . -2.45 8.02 11.30
O3' ADP C . -2.79 9.23 12.00
C2' ADP C . -2.40 6.83 12.26
O2' ADP C . -1.91 7.12 13.57
C1' ADP C . -3.86 6.40 12.25
N9 ADP C . -4.07 4.93 12.41
C8 ADP C . -3.28 3.88 12.05
N7 ADP C . -3.85 2.70 12.39
C5 ADP C . -5.04 3.00 12.99
C6 ADP C . -6.16 2.25 13.59
N6 ADP C . -6.12 0.91 13.60
N1 ADP C . -7.21 2.93 14.13
C2 ADP C . -7.26 4.27 14.10
N3 ADP C . -6.26 5.02 13.57
C4 ADP C . -5.16 4.45 13.00
UNK UNX D . -1.45 -2.18 13.34
UNK UNX E . -3.95 20.08 -5.92
UNK UNX F . 4.27 5.19 -13.56
UNK UNX G . -0.10 -13.18 -6.66
UNK UNX H . -10.78 -6.93 9.80
#